data_8HD4
#
_entry.id   8HD4
#
_cell.length_a   73.582
_cell.length_b   73.582
_cell.length_c   462.593
_cell.angle_alpha   90.00
_cell.angle_beta   90.00
_cell.angle_gamma   120.00
#
_symmetry.space_group_name_H-M   'P 61 2 2'
#
loop_
_entity.id
_entity.type
_entity.pdbx_description
1 polymer 'Long-chain-fatty-acid--AMP ligase FadD23'
2 non-polymer 'palmitoyl adenylate'
3 water water
#
_entity_poly.entity_id   1
_entity_poly.type   'polypeptide(L)'
_entity_poly.pdbx_seq_one_letter_code
;MGSSHHHHHHSSGLVPRGSHMMVSLSIPSMLRQCVNLHPDGTAFTYIDYERDSEGISESLTWSQVYRRTLNVAAEVRRHA
AIGDRAVILAPQGLDYIVAFLGALQAGLIAVPLSAPLGGASDERVDAVVRDAKPNVVLTTSAIMGDVVPRVTPPPGIASP
PTVAVDQLDLDSPIRSNIVDDSLQTTAYLQYTSGSTRTPAGVMITYKNILANFQQMISAYFADTGAVPPLDLFIMSWLPF
YHDMGLVLGVCAPIIVGCGAVLTSPVAFLQRPARWLQLMAREGQAFSAAPNFAFELTAAKAIDDDLAGLDLGRIKTILCG
SERVHPATLKRFVDRFSRFNLREFAIRPAYGLAEATVYVATSQAGQPPEIRYFEPHELSAGQAKPCATGAGTALVSYPLP
QSPIVRIVDPNTNTECPPGTIGEIWVHGDNVAGGYWEKPDETERTFGGALVAPSAGTPVGPWLRTGDSGFVSEDKFFIIG
RIKDLLIVYGRNHSPDDIEATIQEITRGRCAAIAVPSNGVEKLVAIVELNNRGNLDTERLSFVTREVTSAISTSHGLSVS
DLVLVAPGSIPITTSGKVRRAECVKLYRHNEFTRLDAKPLQASDL
;
_entity_poly.pdbx_strand_id   A
#
# COMPACT_ATOMS: atom_id res chain seq x y z
N LEU A 25 14.43 19.23 8.30
CA LEU A 25 13.38 19.38 9.34
C LEU A 25 12.00 19.20 8.72
N SER A 26 11.56 20.15 7.91
CA SER A 26 10.22 20.10 7.29
C SER A 26 10.33 19.82 5.80
N ILE A 27 9.29 19.24 5.22
CA ILE A 27 9.28 19.03 3.76
C ILE A 27 9.48 20.33 3.00
N PRO A 28 8.82 21.43 3.35
CA PRO A 28 9.12 22.71 2.69
C PRO A 28 10.59 23.10 2.79
N SER A 29 11.22 22.89 3.96
CA SER A 29 12.60 23.30 4.12
C SER A 29 13.55 22.44 3.30
N MET A 30 13.20 21.16 3.08
CA MET A 30 14.04 20.31 2.25
C MET A 30 13.83 20.60 0.77
N LEU A 31 12.61 20.88 0.35
CA LEU A 31 12.39 21.32 -1.03
C LEU A 31 13.21 22.57 -1.33
N ARG A 32 13.21 23.53 -0.40
CA ARG A 32 14.01 24.73 -0.59
C ARG A 32 15.50 24.40 -0.64
N GLN A 33 15.92 23.32 0.03
CA GLN A 33 17.31 22.91 -0.05
C GLN A 33 17.62 22.19 -1.36
N CYS A 34 16.64 21.48 -1.92
CA CYS A 34 16.82 20.91 -3.25
C CYS A 34 17.00 22.00 -4.29
N VAL A 35 16.37 23.16 -4.09
CA VAL A 35 16.49 24.26 -5.05
C VAL A 35 17.84 24.94 -4.93
N ASN A 36 18.43 24.98 -3.74
CA ASN A 36 19.75 25.56 -3.59
C ASN A 36 20.81 24.72 -4.28
N LEU A 37 20.80 23.41 -4.04
CA LEU A 37 21.86 22.55 -4.54
C LEU A 37 21.75 22.34 -6.05
N HIS A 38 20.53 22.10 -6.55
CA HIS A 38 20.32 21.67 -7.92
C HIS A 38 19.13 22.41 -8.52
N PRO A 39 19.28 23.72 -8.76
CA PRO A 39 18.14 24.49 -9.27
C PRO A 39 17.51 23.90 -10.52
N ASP A 40 18.32 23.46 -11.49
CA ASP A 40 17.81 23.01 -12.77
C ASP A 40 17.80 21.48 -12.91
N GLY A 41 17.95 20.75 -11.80
CA GLY A 41 17.82 19.31 -11.85
C GLY A 41 16.36 18.90 -11.90
N THR A 42 16.10 17.82 -12.65
CA THR A 42 14.72 17.38 -12.83
C THR A 42 14.18 16.78 -11.53
N ALA A 43 13.01 17.26 -11.12
CA ALA A 43 12.38 16.81 -9.88
C ALA A 43 11.22 15.86 -10.14
N PHE A 44 10.23 16.28 -10.93
CA PHE A 44 9.03 15.50 -11.18
C PHE A 44 8.78 15.41 -12.68
N THR A 45 8.53 14.19 -13.16
CA THR A 45 8.17 13.95 -14.55
C THR A 45 6.90 13.11 -14.57
N TYR A 46 5.85 13.62 -15.19
CA TYR A 46 4.57 12.93 -15.27
C TYR A 46 4.29 12.52 -16.71
N ILE A 47 4.02 11.23 -16.92
CA ILE A 47 3.63 10.68 -18.21
C ILE A 47 2.12 10.54 -18.22
N ASP A 48 1.46 11.18 -19.17
CA ASP A 48 0.00 11.17 -19.28
C ASP A 48 -0.40 10.32 -20.47
N TYR A 49 -1.08 9.19 -20.19
CA TYR A 49 -1.52 8.28 -21.22
C TYR A 49 -2.98 8.50 -21.62
N GLU A 50 -3.55 9.65 -21.26
CA GLU A 50 -4.98 9.86 -21.48
C GLU A 50 -5.28 10.18 -22.95
N ARG A 51 -4.56 11.14 -23.53
CA ARG A 51 -4.76 11.50 -24.93
C ARG A 51 -4.00 10.57 -25.87
N ASP A 52 -2.68 10.50 -25.70
CA ASP A 52 -1.84 9.65 -26.53
C ASP A 52 -1.66 8.29 -25.87
N SER A 53 -1.85 7.22 -26.66
CA SER A 53 -1.74 5.88 -26.13
C SER A 53 -0.34 5.53 -25.64
N GLU A 54 0.68 6.20 -26.18
CA GLU A 54 2.05 5.98 -25.75
C GLU A 54 2.56 7.07 -24.82
N GLY A 55 1.72 8.04 -24.46
CA GLY A 55 2.05 8.96 -23.39
C GLY A 55 2.69 10.28 -23.79
N ILE A 56 2.27 11.36 -23.14
CA ILE A 56 2.89 12.67 -23.29
C ILE A 56 3.60 13.01 -21.99
N SER A 57 4.80 13.55 -22.11
CA SER A 57 5.66 13.82 -20.97
C SER A 57 5.70 15.31 -20.64
N GLU A 58 5.95 15.62 -19.38
CA GLU A 58 6.23 16.98 -18.94
C GLU A 58 7.01 16.91 -17.64
N SER A 59 8.07 17.70 -17.54
CA SER A 59 8.97 17.66 -16.40
C SER A 59 9.09 19.04 -15.77
N LEU A 60 9.34 19.06 -14.46
CA LEU A 60 9.68 20.25 -13.73
C LEU A 60 11.02 20.05 -13.05
N THR A 61 11.84 21.09 -13.05
CA THR A 61 13.04 21.08 -12.23
C THR A 61 12.68 21.43 -10.80
N TRP A 62 13.66 21.30 -9.90
CA TRP A 62 13.43 21.71 -8.53
C TRP A 62 13.04 23.19 -8.47
N SER A 63 13.62 24.02 -9.34
CA SER A 63 13.25 25.43 -9.38
C SER A 63 11.80 25.60 -9.80
N GLN A 64 11.35 24.84 -10.80
CA GLN A 64 10.00 25.01 -11.31
C GLN A 64 8.95 24.57 -10.27
N VAL A 65 9.22 23.47 -9.57
CA VAL A 65 8.26 22.97 -8.57
C VAL A 65 8.15 23.95 -7.40
N TYR A 66 9.30 24.39 -6.88
CA TYR A 66 9.31 25.40 -5.83
C TYR A 66 8.48 26.61 -6.25
N ARG A 67 8.62 27.04 -7.50
CA ARG A 67 7.90 28.22 -7.97
C ARG A 67 6.40 27.98 -8.00
N ARG A 68 5.98 26.84 -8.52
CA ARG A 68 4.56 26.49 -8.46
C ARG A 68 4.10 26.33 -7.01
N THR A 69 4.93 25.67 -6.18
CA THR A 69 4.58 25.51 -4.77
C THR A 69 4.40 26.86 -4.09
N LEU A 70 5.29 27.81 -4.36
CA LEU A 70 5.17 29.13 -3.75
C LEU A 70 3.89 29.83 -4.22
N ASN A 71 3.52 29.64 -5.48
CA ASN A 71 2.34 30.32 -6.01
C ASN A 71 1.05 29.73 -5.45
N VAL A 72 1.02 28.40 -5.25
CA VAL A 72 -0.15 27.79 -4.63
C VAL A 72 -0.28 28.25 -3.19
N ALA A 73 0.85 28.35 -2.48
CA ALA A 73 0.82 28.79 -1.09
C ALA A 73 0.26 30.21 -0.98
N ALA A 74 0.52 31.07 -1.96
CA ALA A 74 0.00 32.43 -1.93
C ALA A 74 -1.52 32.44 -2.06
N GLU A 75 -2.04 31.72 -3.06
CA GLU A 75 -3.48 31.66 -3.23
C GLU A 75 -4.16 31.01 -2.03
N VAL A 76 -3.44 30.15 -1.31
CA VAL A 76 -4.03 29.49 -0.14
C VAL A 76 -3.98 30.40 1.08
N ARG A 77 -2.95 31.24 1.18
CA ARG A 77 -2.88 32.18 2.30
C ARG A 77 -4.06 33.14 2.30
N ARG A 78 -4.72 33.33 1.15
CA ARG A 78 -5.83 34.27 1.06
C ARG A 78 -7.12 33.70 1.65
N HIS A 79 -7.21 32.38 1.83
CA HIS A 79 -8.45 31.75 2.26
C HIS A 79 -8.36 31.04 3.61
N ALA A 80 -7.15 30.72 4.09
CA ALA A 80 -7.03 29.92 5.30
C ALA A 80 -5.80 30.37 6.07
N ALA A 81 -5.75 29.93 7.34
CA ALA A 81 -4.70 30.32 8.27
C ALA A 81 -3.86 29.12 8.64
N ILE A 82 -2.70 29.40 9.23
CA ILE A 82 -1.84 28.35 9.76
C ILE A 82 -2.65 27.46 10.67
N GLY A 83 -2.54 26.15 10.49
CA GLY A 83 -3.28 25.18 11.25
C GLY A 83 -4.56 24.71 10.60
N ASP A 84 -5.07 25.45 9.63
CA ASP A 84 -6.27 25.02 8.91
C ASP A 84 -5.97 23.80 8.05
N ARG A 85 -7.03 23.06 7.72
CA ARG A 85 -6.91 21.91 6.85
C ARG A 85 -7.19 22.32 5.41
N ALA A 86 -6.44 21.73 4.49
CA ALA A 86 -6.64 21.95 3.06
C ALA A 86 -6.86 20.59 2.41
N VAL A 87 -8.04 20.39 1.83
CA VAL A 87 -8.40 19.14 1.18
C VAL A 87 -7.97 19.21 -0.28
N ILE A 88 -7.25 18.19 -0.74
CA ILE A 88 -6.74 18.13 -2.10
C ILE A 88 -7.63 17.17 -2.90
N LEU A 89 -8.34 17.70 -3.88
CA LEU A 89 -9.33 16.94 -4.66
C LEU A 89 -8.99 17.10 -6.14
N ALA A 90 -7.94 16.42 -6.58
CA ALA A 90 -7.44 16.55 -7.94
C ALA A 90 -7.13 15.18 -8.52
N PRO A 91 -7.14 15.07 -9.84
CA PRO A 91 -6.65 13.83 -10.47
C PRO A 91 -5.14 13.72 -10.31
N GLN A 92 -4.64 12.51 -10.58
CA GLN A 92 -3.20 12.31 -10.57
C GLN A 92 -2.54 13.26 -11.55
N GLY A 93 -1.36 13.77 -11.18
CA GLY A 93 -0.65 14.69 -12.05
C GLY A 93 0.14 15.73 -11.29
N LEU A 94 0.83 16.60 -12.03
CA LEU A 94 1.69 17.59 -11.40
C LEU A 94 0.91 18.56 -10.53
N ASP A 95 -0.36 18.83 -10.86
CA ASP A 95 -1.12 19.81 -10.09
C ASP A 95 -1.44 19.29 -8.70
N TYR A 96 -1.69 17.98 -8.57
CA TYR A 96 -1.81 17.38 -7.25
C TYR A 96 -0.56 17.63 -6.42
N ILE A 97 0.62 17.54 -7.05
CA ILE A 97 1.87 17.65 -6.32
C ILE A 97 2.05 19.06 -5.77
N VAL A 98 1.81 20.08 -6.60
CA VAL A 98 1.98 21.44 -6.13
C VAL A 98 0.85 21.89 -5.21
N ALA A 99 -0.33 21.27 -5.31
CA ALA A 99 -1.37 21.54 -4.34
C ALA A 99 -0.96 21.04 -2.96
N PHE A 100 -0.52 19.78 -2.89
CA PHE A 100 -0.05 19.22 -1.62
C PHE A 100 1.14 20.01 -1.09
N LEU A 101 2.12 20.28 -1.96
CA LEU A 101 3.32 21.00 -1.51
C LEU A 101 3.01 22.45 -1.18
N GLY A 102 2.04 23.07 -1.87
CA GLY A 102 1.66 24.43 -1.55
C GLY A 102 0.95 24.55 -0.22
N ALA A 103 0.20 23.51 0.16
CA ALA A 103 -0.48 23.53 1.46
C ALA A 103 0.52 23.54 2.60
N LEU A 104 1.41 22.54 2.63
CA LEU A 104 2.42 22.50 3.69
C LEU A 104 3.26 23.76 3.72
N GLN A 105 3.46 24.39 2.55
CA GLN A 105 4.27 25.60 2.51
C GLN A 105 3.60 26.75 3.25
N ALA A 106 2.27 26.83 3.18
CA ALA A 106 1.52 27.85 3.88
C ALA A 106 1.18 27.47 5.32
N GLY A 107 1.74 26.37 5.82
CA GLY A 107 1.47 25.96 7.18
C GLY A 107 0.10 25.37 7.39
N LEU A 108 -0.47 24.74 6.36
CA LEU A 108 -1.75 24.07 6.49
C LEU A 108 -1.55 22.57 6.58
N ILE A 109 -2.47 21.90 7.28
CA ILE A 109 -2.43 20.46 7.41
C ILE A 109 -3.10 19.86 6.17
N ALA A 110 -2.28 19.33 5.26
CA ALA A 110 -2.80 18.82 4.00
C ALA A 110 -3.66 17.57 4.23
N VAL A 111 -4.62 17.37 3.33
CA VAL A 111 -5.53 16.23 3.38
C VAL A 111 -5.65 15.62 1.99
N PRO A 112 -4.78 14.69 1.62
CA PRO A 112 -4.82 14.12 0.27
C PRO A 112 -6.00 13.18 0.11
N LEU A 113 -6.86 13.48 -0.87
CA LEU A 113 -8.01 12.66 -1.20
C LEU A 113 -8.04 12.41 -2.71
N SER A 114 -9.02 11.62 -3.14
CA SER A 114 -9.18 11.29 -4.54
C SER A 114 -10.28 12.16 -5.17
N ALA A 115 -10.19 12.35 -6.48
CA ALA A 115 -11.17 13.16 -7.19
C ALA A 115 -12.41 12.33 -7.47
N PRO A 116 -13.60 12.92 -7.33
CA PRO A 116 -14.88 12.26 -7.60
C PRO A 116 -14.88 11.51 -8.94
N ASP A 122 -18.88 11.46 -4.31
CA ASP A 122 -18.88 10.30 -3.43
C ASP A 122 -19.19 10.70 -1.99
N GLU A 123 -19.94 9.85 -1.28
CA GLU A 123 -20.33 10.18 0.09
C GLU A 123 -19.16 10.02 1.06
N ARG A 124 -18.26 9.09 0.80
CA ARG A 124 -17.10 8.92 1.68
C ARG A 124 -16.01 9.96 1.41
N VAL A 125 -16.19 10.81 0.41
CA VAL A 125 -15.30 11.95 0.25
C VAL A 125 -15.80 13.12 1.08
N ASP A 126 -17.13 13.27 1.18
CA ASP A 126 -17.70 14.33 2.01
C ASP A 126 -17.73 13.95 3.49
N ALA A 127 -17.64 12.66 3.81
CA ALA A 127 -17.47 12.27 5.22
C ALA A 127 -16.15 12.77 5.76
N VAL A 128 -15.09 12.67 4.95
CA VAL A 128 -13.80 13.23 5.33
C VAL A 128 -13.90 14.74 5.49
N VAL A 129 -14.51 15.40 4.50
CA VAL A 129 -14.56 16.85 4.49
C VAL A 129 -15.24 17.40 5.74
N ARG A 130 -16.26 16.69 6.24
CA ARG A 130 -16.92 17.12 7.47
C ARG A 130 -16.12 16.72 8.71
N ASP A 131 -15.40 15.60 8.64
CA ASP A 131 -14.52 15.22 9.73
C ASP A 131 -13.32 16.15 9.84
N ALA A 132 -12.79 16.60 8.70
CA ALA A 132 -11.59 17.43 8.67
C ALA A 132 -11.90 18.92 8.68
N LYS A 133 -13.10 19.32 8.28
CA LYS A 133 -13.54 20.71 8.29
C LYS A 133 -12.49 21.64 7.65
N PRO A 134 -12.21 21.44 6.37
CA PRO A 134 -11.15 22.23 5.72
C PRO A 134 -11.60 23.65 5.43
N ASN A 135 -10.65 24.57 5.53
CA ASN A 135 -10.88 25.97 5.21
C ASN A 135 -10.56 26.31 3.76
N VAL A 136 -10.05 25.35 2.99
CA VAL A 136 -9.85 25.52 1.56
C VAL A 136 -9.87 24.14 0.90
N VAL A 137 -10.30 24.12 -0.36
CA VAL A 137 -10.27 22.92 -1.19
C VAL A 137 -9.42 23.23 -2.41
N LEU A 138 -8.54 22.30 -2.76
CA LEU A 138 -7.63 22.46 -3.89
C LEU A 138 -8.04 21.48 -4.99
N THR A 139 -8.47 22.01 -6.12
CA THR A 139 -9.17 21.21 -7.12
C THR A 139 -8.56 21.48 -8.50
N THR A 140 -9.27 21.09 -9.54
CA THR A 140 -8.92 21.39 -10.92
C THR A 140 -10.16 21.88 -11.64
N SER A 141 -9.95 22.70 -12.67
CA SER A 141 -11.07 23.12 -13.52
C SER A 141 -11.91 21.93 -13.94
N ALA A 142 -11.26 20.84 -14.34
CA ALA A 142 -11.90 19.70 -14.98
C ALA A 142 -12.75 18.91 -13.98
N ILE A 143 -12.72 19.31 -12.71
CA ILE A 143 -13.59 18.68 -11.71
C ILE A 143 -14.05 19.72 -10.69
N SER A 159 -19.60 25.43 1.11
CA SER A 159 -19.24 26.51 2.01
C SER A 159 -17.76 26.87 1.92
N PRO A 160 -16.88 25.87 2.06
CA PRO A 160 -15.43 26.16 2.04
C PRO A 160 -15.01 26.65 0.67
N PRO A 161 -14.10 27.61 0.61
CA PRO A 161 -13.62 28.10 -0.69
C PRO A 161 -12.86 27.02 -1.44
N THR A 162 -13.12 26.92 -2.74
CA THR A 162 -12.46 25.96 -3.61
C THR A 162 -11.57 26.68 -4.61
N VAL A 163 -10.36 26.14 -4.82
CA VAL A 163 -9.37 26.74 -5.70
C VAL A 163 -9.05 25.75 -6.82
N ALA A 164 -9.04 26.24 -8.05
CA ALA A 164 -8.64 25.45 -9.21
C ALA A 164 -7.20 25.83 -9.55
N VAL A 165 -6.25 25.01 -9.09
CA VAL A 165 -4.84 25.36 -9.21
C VAL A 165 -4.34 25.31 -10.65
N ASP A 166 -5.01 24.55 -11.52
CA ASP A 166 -4.63 24.57 -12.94
C ASP A 166 -4.89 25.94 -13.54
N GLN A 167 -5.98 26.59 -13.14
CA GLN A 167 -6.33 27.91 -13.65
C GLN A 167 -5.52 29.02 -13.01
N LEU A 168 -4.63 28.70 -12.07
CA LEU A 168 -3.76 29.70 -11.47
C LEU A 168 -2.49 29.84 -12.29
N ASP A 169 -1.93 31.05 -12.28
CA ASP A 169 -0.71 31.36 -13.04
C ASP A 169 0.50 30.79 -12.30
N LEU A 170 0.61 29.47 -12.33
CA LEU A 170 1.55 28.76 -11.47
C LEU A 170 3.02 29.04 -11.81
N ASP A 171 3.31 29.50 -13.03
CA ASP A 171 4.67 29.81 -13.42
C ASP A 171 4.91 31.32 -13.44
N SER A 172 4.37 32.03 -12.44
CA SER A 172 4.48 33.48 -12.38
C SER A 172 5.63 33.86 -11.46
N PRO A 173 6.64 34.57 -11.94
CA PRO A 173 7.80 34.87 -11.08
C PRO A 173 7.39 35.62 -9.82
N ILE A 174 8.05 35.27 -8.72
CA ILE A 174 7.80 35.89 -7.42
C ILE A 174 8.35 37.31 -7.40
N ASP A 181 4.04 30.93 7.44
CA ASP A 181 4.89 29.93 6.81
C ASP A 181 4.64 28.54 7.39
N SER A 182 5.48 27.58 7.01
CA SER A 182 5.21 26.18 7.26
C SER A 182 5.15 25.88 8.76
N LEU A 183 4.42 24.81 9.08
CA LEU A 183 4.45 24.24 10.42
C LEU A 183 5.72 23.41 10.59
N GLN A 184 5.92 22.87 11.78
CA GLN A 184 7.05 21.99 12.05
C GLN A 184 6.64 20.71 12.77
N THR A 185 5.34 20.48 12.95
CA THR A 185 4.85 19.27 13.57
C THR A 185 3.94 18.52 12.61
N THR A 186 2.63 18.79 12.69
CA THR A 186 1.67 18.09 11.84
C THR A 186 1.77 18.57 10.40
N ALA A 187 1.92 17.63 9.48
CA ALA A 187 2.00 17.93 8.06
C ALA A 187 0.70 17.64 7.33
N TYR A 188 0.16 16.42 7.46
CA TYR A 188 -1.04 16.05 6.73
C TYR A 188 -1.77 14.93 7.46
N LEU A 189 -3.03 14.75 7.09
CA LEU A 189 -3.85 13.66 7.59
C LEU A 189 -4.01 12.60 6.51
N GLN A 190 -3.88 11.32 6.90
CA GLN A 190 -4.01 10.21 5.99
C GLN A 190 -5.28 9.44 6.35
N TYR A 191 -6.25 9.44 5.44
CA TYR A 191 -7.51 8.73 5.66
C TYR A 191 -7.52 7.39 4.92
N THR A 198 -16.92 5.08 10.33
CA THR A 198 -16.50 6.47 10.43
C THR A 198 -15.08 6.64 9.91
N PRO A 199 -14.86 7.67 9.09
CA PRO A 199 -13.53 7.91 8.55
C PRO A 199 -12.60 8.45 9.63
N ALA A 200 -11.37 7.93 9.64
CA ALA A 200 -10.37 8.31 10.63
C ALA A 200 -9.09 8.73 9.92
N GLY A 201 -8.68 9.98 10.14
CA GLY A 201 -7.50 10.52 9.50
C GLY A 201 -6.27 10.45 10.39
N VAL A 202 -5.26 9.73 9.92
CA VAL A 202 -4.01 9.62 10.66
C VAL A 202 -3.29 10.95 10.68
N MET A 203 -2.76 11.32 11.84
CA MET A 203 -1.96 12.54 12.00
C MET A 203 -0.49 12.18 11.75
N ILE A 204 0.06 12.69 10.66
CA ILE A 204 1.45 12.45 10.29
C ILE A 204 2.22 13.74 10.52
N THR A 205 3.28 13.66 11.34
CA THR A 205 4.16 14.79 11.59
C THR A 205 5.42 14.68 10.75
N TYR A 206 6.09 15.82 10.58
CA TYR A 206 7.39 15.79 9.91
C TYR A 206 8.37 14.89 10.65
N LYS A 207 8.27 14.83 11.99
CA LYS A 207 9.10 13.90 12.73
C LYS A 207 8.75 12.46 12.39
N ASN A 208 7.45 12.18 12.19
CA ASN A 208 7.04 10.85 11.74
C ASN A 208 7.70 10.50 10.41
N ILE A 209 7.54 11.38 9.41
CA ILE A 209 8.06 11.10 8.07
C ILE A 209 9.57 10.90 8.11
N LEU A 210 10.28 11.86 8.69
CA LEU A 210 11.75 11.79 8.69
C LEU A 210 12.24 10.51 9.35
N ALA A 211 11.65 10.14 10.48
CA ALA A 211 12.08 8.93 11.18
C ALA A 211 11.85 7.68 10.32
N ASN A 212 10.67 7.58 9.69
CA ASN A 212 10.40 6.44 8.84
C ASN A 212 11.38 6.38 7.66
N PHE A 213 11.68 7.53 7.06
CA PHE A 213 12.62 7.56 5.96
C PHE A 213 14.00 7.12 6.41
N GLN A 214 14.40 7.48 7.63
CA GLN A 214 15.68 7.03 8.15
C GLN A 214 15.69 5.52 8.36
N GLN A 215 14.58 4.97 8.86
CA GLN A 215 14.47 3.51 8.97
C GLN A 215 14.45 2.86 7.59
N MET A 216 13.80 3.51 6.62
CA MET A 216 13.68 2.93 5.28
C MET A 216 15.03 2.92 4.57
N ILE A 217 15.66 4.08 4.43
CA ILE A 217 16.95 4.17 3.74
C ILE A 217 17.95 3.20 4.33
N SER A 218 17.86 2.93 5.64
CA SER A 218 18.82 2.04 6.28
C SER A 218 18.57 0.58 5.94
N ALA A 219 17.29 0.17 5.88
CA ALA A 219 16.98 -1.21 5.54
C ALA A 219 17.05 -1.46 4.04
N TYR A 220 16.54 -0.53 3.23
CA TYR A 220 16.53 -0.71 1.79
C TYR A 220 17.92 -0.60 1.19
N PHE A 221 18.84 0.09 1.85
CA PHE A 221 20.19 0.33 1.32
C PHE A 221 21.24 -0.10 2.33
N ALA A 222 20.99 -1.17 3.08
CA ALA A 222 21.93 -1.62 4.09
C ALA A 222 23.22 -2.15 3.46
N ASP A 223 23.15 -2.69 2.25
CA ASP A 223 24.34 -3.22 1.60
C ASP A 223 25.24 -2.14 1.03
N THR A 224 24.72 -0.92 0.85
CA THR A 224 25.52 0.22 0.42
C THR A 224 25.60 1.28 1.52
N GLY A 225 25.68 0.83 2.77
CA GLY A 225 25.87 1.73 3.89
C GLY A 225 24.83 2.82 4.01
N ALA A 226 23.55 2.49 3.77
CA ALA A 226 22.45 3.43 3.90
C ALA A 226 22.56 4.61 2.94
N VAL A 227 23.38 4.48 1.91
CA VAL A 227 23.55 5.50 0.87
C VAL A 227 22.95 4.97 -0.42
N PRO A 228 21.92 5.61 -0.96
CA PRO A 228 21.39 5.18 -2.26
C PRO A 228 22.35 5.55 -3.39
N PRO A 229 22.28 4.86 -4.52
CA PRO A 229 23.19 5.16 -5.62
C PRO A 229 22.90 6.52 -6.23
N LEU A 230 23.96 7.16 -6.74
CA LEU A 230 23.80 8.42 -7.47
C LEU A 230 22.82 8.29 -8.63
N ASP A 231 22.59 7.06 -9.11
CA ASP A 231 21.78 6.80 -10.29
C ASP A 231 20.28 6.73 -9.99
N LEU A 232 19.89 6.84 -8.73
CA LEU A 232 18.53 6.47 -8.34
C LEU A 232 17.49 7.43 -8.88
N PHE A 233 16.36 6.88 -9.33
CA PHE A 233 15.18 7.65 -9.65
C PHE A 233 13.96 6.85 -9.23
N ILE A 234 12.93 7.54 -8.73
CA ILE A 234 11.70 6.92 -8.27
C ILE A 234 10.72 6.81 -9.41
N MET A 235 10.06 5.65 -9.53
CA MET A 235 9.06 5.40 -10.55
C MET A 235 7.84 4.81 -9.87
N SER A 236 6.69 5.46 -10.04
CA SER A 236 5.48 5.02 -9.37
C SER A 236 4.27 5.37 -10.21
N TRP A 237 3.36 4.41 -10.33
CA TRP A 237 2.02 4.64 -10.84
C TRP A 237 0.97 4.62 -9.73
N LEU A 238 1.41 4.55 -8.48
CA LEU A 238 0.48 4.43 -7.37
C LEU A 238 -0.24 5.75 -7.15
N PRO A 239 -1.53 5.72 -6.75
CA PRO A 239 -2.27 6.96 -6.55
C PRO A 239 -1.75 7.75 -5.36
N PHE A 240 -1.74 9.07 -5.50
CA PHE A 240 -1.20 9.96 -4.48
C PHE A 240 -2.03 10.02 -3.21
N TYR A 241 -3.28 9.55 -3.24
CA TYR A 241 -4.15 9.60 -2.07
C TYR A 241 -4.08 8.32 -1.24
N HIS A 242 -3.07 7.50 -1.45
CA HIS A 242 -2.87 6.28 -0.69
C HIS A 242 -1.52 6.33 0.01
N ASP A 243 -1.39 5.52 1.06
CA ASP A 243 -0.19 5.52 1.89
C ASP A 243 1.08 5.43 1.03
N MET A 244 1.18 4.38 0.22
CA MET A 244 2.42 4.13 -0.52
C MET A 244 2.64 5.18 -1.61
N GLY A 245 1.59 5.50 -2.37
CA GLY A 245 1.74 6.40 -3.50
C GLY A 245 2.15 7.82 -3.11
N LEU A 246 1.66 8.30 -1.97
CA LEU A 246 1.98 9.67 -1.56
C LEU A 246 3.39 9.79 -1.01
N VAL A 247 3.83 8.81 -0.22
CA VAL A 247 5.17 8.90 0.37
C VAL A 247 6.23 8.60 -0.68
N LEU A 248 5.93 7.71 -1.63
CA LEU A 248 6.91 7.36 -2.66
C LEU A 248 6.90 8.35 -3.82
N GLY A 249 5.72 8.83 -4.20
CA GLY A 249 5.61 9.67 -5.38
C GLY A 249 5.83 11.15 -5.15
N VAL A 250 5.37 11.66 -4.01
CA VAL A 250 5.37 13.10 -3.75
C VAL A 250 6.44 13.49 -2.74
N CYS A 251 6.65 12.70 -1.70
CA CYS A 251 7.56 13.08 -0.62
C CYS A 251 8.98 12.59 -0.85
N ALA A 252 9.15 11.31 -1.17
CA ALA A 252 10.48 10.73 -1.31
C ALA A 252 11.37 11.52 -2.25
N PRO A 253 10.92 11.97 -3.42
CA PRO A 253 11.78 12.81 -4.27
C PRO A 253 12.46 13.92 -3.51
N ILE A 254 11.73 14.64 -2.64
CA ILE A 254 12.29 15.78 -1.93
C ILE A 254 13.17 15.32 -0.77
N ILE A 255 12.70 14.34 0.01
CA ILE A 255 13.45 13.91 1.19
C ILE A 255 14.68 13.13 0.78
N VAL A 256 14.58 12.34 -0.29
CA VAL A 256 15.71 11.54 -0.74
C VAL A 256 16.65 12.36 -1.60
N GLY A 257 16.11 13.19 -2.48
CA GLY A 257 16.90 14.02 -3.35
C GLY A 257 17.08 13.50 -4.75
N CYS A 258 16.16 12.70 -5.26
CA CYS A 258 16.19 12.20 -6.62
C CYS A 258 14.94 12.64 -7.36
N GLY A 259 14.91 12.35 -8.66
CA GLY A 259 13.75 12.66 -9.45
C GLY A 259 12.77 11.49 -9.53
N ALA A 260 11.56 11.79 -9.97
CA ALA A 260 10.48 10.82 -10.03
C ALA A 260 9.89 10.77 -11.43
N VAL A 261 9.64 9.55 -11.90
CA VAL A 261 8.84 9.30 -13.10
C VAL A 261 7.50 8.77 -12.63
N LEU A 262 6.43 9.52 -12.90
CA LEU A 262 5.12 9.26 -12.32
C LEU A 262 4.06 9.15 -13.40
N THR A 263 3.02 8.37 -13.09
CA THR A 263 1.86 8.25 -13.96
C THR A 263 0.67 7.81 -13.11
N SER A 264 -0.47 7.56 -13.77
CA SER A 264 -1.73 7.23 -13.14
C SER A 264 -1.91 5.71 -13.02
N PRO A 265 -2.65 5.25 -12.01
CA PRO A 265 -2.95 3.81 -11.92
C PRO A 265 -3.90 3.33 -13.00
N VAL A 266 -4.74 4.21 -13.55
CA VAL A 266 -5.61 3.80 -14.65
C VAL A 266 -4.78 3.58 -15.92
N ALA A 267 -3.64 4.26 -16.04
CA ALA A 267 -2.74 3.97 -17.15
C ALA A 267 -2.07 2.61 -16.97
N PHE A 268 -1.67 2.28 -15.73
CA PHE A 268 -1.09 0.98 -15.48
C PHE A 268 -2.10 -0.13 -15.74
N LEU A 269 -3.34 0.05 -15.28
CA LEU A 269 -4.37 -0.96 -15.50
C LEU A 269 -4.66 -1.14 -16.99
N GLN A 270 -4.74 -0.04 -17.73
CA GLN A 270 -4.92 -0.12 -19.17
C GLN A 270 -3.88 -1.04 -19.81
N ARG A 271 -2.61 -0.84 -19.46
CA ARG A 271 -1.51 -1.58 -20.07
C ARG A 271 -0.41 -1.74 -19.04
N PRO A 272 -0.48 -2.81 -18.23
CA PRO A 272 0.50 -2.96 -17.14
C PRO A 272 1.94 -3.02 -17.60
N ALA A 273 2.20 -3.09 -18.90
CA ALA A 273 3.57 -3.14 -19.39
C ALA A 273 4.27 -1.79 -19.29
N ARG A 274 3.52 -0.69 -19.20
CA ARG A 274 4.14 0.62 -19.07
C ARG A 274 4.95 0.72 -17.79
N TRP A 275 4.58 -0.03 -16.75
CA TRP A 275 5.33 -0.03 -15.51
C TRP A 275 6.78 -0.46 -15.75
N LEU A 276 6.96 -1.61 -16.39
CA LEU A 276 8.31 -2.10 -16.69
C LEU A 276 9.04 -1.13 -17.60
N GLN A 277 8.34 -0.57 -18.59
CA GLN A 277 8.98 0.36 -19.51
C GLN A 277 9.52 1.59 -18.76
N LEU A 278 8.69 2.20 -17.93
CA LEU A 278 9.11 3.42 -17.26
C LEU A 278 10.22 3.16 -16.26
N MET A 279 10.21 1.99 -15.61
CA MET A 279 11.28 1.65 -14.69
C MET A 279 12.62 1.55 -15.42
N ALA A 280 12.60 1.03 -16.64
CA ALA A 280 13.81 0.78 -17.41
C ALA A 280 14.39 2.04 -18.04
N ARG A 281 13.87 3.22 -17.71
CA ARG A 281 14.47 4.45 -18.20
C ARG A 281 15.85 4.64 -17.56
N GLU A 282 16.57 5.64 -18.07
CA GLU A 282 17.96 5.84 -17.67
C GLU A 282 18.10 5.93 -16.15
N GLY A 283 18.97 5.10 -15.62
CA GLY A 283 19.26 5.08 -14.19
C GLY A 283 18.80 3.80 -13.52
N GLN A 284 18.87 3.82 -12.19
CA GLN A 284 18.41 2.70 -11.37
C GLN A 284 17.06 3.08 -10.76
N ALA A 285 16.07 2.22 -10.98
CA ALA A 285 14.69 2.53 -10.61
C ALA A 285 14.36 2.02 -9.21
N PHE A 286 13.56 2.80 -8.49
CA PHE A 286 13.00 2.42 -7.20
C PHE A 286 11.48 2.55 -7.31
N SER A 287 10.77 1.42 -7.18
CA SER A 287 9.33 1.38 -7.41
C SER A 287 8.66 0.55 -6.31
N ALA A 288 7.34 0.47 -6.40
CA ALA A 288 6.53 -0.28 -5.43
C ALA A 288 5.22 -0.67 -6.10
N ALA A 289 4.60 -1.72 -5.57
CA ALA A 289 3.35 -2.20 -6.12
C ALA A 289 2.72 -3.24 -5.20
N PRO A 290 1.39 -3.35 -5.20
CA PRO A 290 0.73 -4.46 -4.48
C PRO A 290 1.06 -5.79 -5.12
N ASN A 291 0.76 -6.86 -4.37
CA ASN A 291 1.09 -8.21 -4.82
C ASN A 291 0.46 -8.52 -6.16
N PHE A 292 -0.87 -8.40 -6.24
CA PHE A 292 -1.57 -8.78 -7.46
C PHE A 292 -1.09 -7.97 -8.67
N ALA A 293 -0.58 -6.75 -8.43
CA ALA A 293 -0.03 -5.98 -9.53
C ALA A 293 1.17 -6.70 -10.15
N PHE A 294 1.94 -7.41 -9.33
CA PHE A 294 2.96 -8.29 -9.88
C PHE A 294 2.34 -9.38 -10.74
N GLU A 295 1.22 -9.95 -10.28
CA GLU A 295 0.49 -10.93 -11.07
C GLU A 295 0.03 -10.33 -12.40
N LEU A 296 -0.66 -9.20 -12.33
CA LEU A 296 -1.24 -8.59 -13.54
C LEU A 296 -0.16 -8.28 -14.58
N THR A 297 1.04 -7.94 -14.14
CA THR A 297 2.11 -7.64 -15.08
C THR A 297 2.75 -8.91 -15.65
N ALA A 298 2.87 -9.96 -14.82
CA ALA A 298 3.34 -11.24 -15.31
C ALA A 298 2.36 -11.86 -16.30
N ALA A 299 1.11 -11.43 -16.29
CA ALA A 299 0.08 -12.03 -17.13
C ALA A 299 -0.13 -11.25 -18.43
N LYS A 300 -0.46 -9.97 -18.30
CA LYS A 300 -0.88 -9.18 -19.48
C LYS A 300 0.25 -8.33 -20.02
N ALA A 301 1.46 -8.86 -20.08
CA ALA A 301 2.56 -8.10 -20.71
C ALA A 301 2.97 -8.85 -21.97
N ILE A 302 3.26 -8.11 -23.04
CA ILE A 302 3.62 -8.76 -24.33
C ILE A 302 5.12 -8.54 -24.55
N ASP A 303 5.86 -9.61 -24.79
CA ASP A 303 7.29 -9.46 -25.09
C ASP A 303 7.55 -8.42 -26.16
N ASP A 304 6.53 -7.98 -26.90
CA ASP A 304 6.72 -6.98 -27.94
C ASP A 304 6.89 -5.57 -27.34
N ASP A 305 6.13 -5.23 -26.29
CA ASP A 305 6.34 -3.96 -25.59
C ASP A 305 7.69 -3.95 -24.87
N LEU A 306 8.15 -5.12 -24.44
CA LEU A 306 9.42 -5.26 -23.75
C LEU A 306 10.59 -5.47 -24.71
N ALA A 307 10.42 -5.13 -26.00
CA ALA A 307 11.45 -5.35 -27.00
C ALA A 307 12.73 -4.60 -26.64
N GLY A 308 13.79 -5.34 -26.35
CA GLY A 308 15.08 -4.76 -26.04
C GLY A 308 15.05 -3.92 -24.79
N LEU A 309 14.45 -4.44 -23.73
CA LEU A 309 14.35 -3.74 -22.45
C LEU A 309 15.39 -4.28 -21.48
N ASP A 310 16.07 -3.37 -20.81
CA ASP A 310 17.03 -3.74 -19.77
C ASP A 310 16.41 -3.48 -18.41
N LEU A 311 16.23 -4.54 -17.62
CA LEU A 311 15.71 -4.43 -16.26
C LEU A 311 16.78 -4.68 -15.20
N GLY A 312 18.04 -4.87 -15.59
CA GLY A 312 19.09 -5.12 -14.62
C GLY A 312 19.49 -3.89 -13.83
N ARG A 313 19.22 -2.69 -14.35
CA ARG A 313 19.51 -1.47 -13.62
C ARG A 313 18.47 -1.18 -12.54
N ILE A 314 17.33 -1.86 -12.56
CA ILE A 314 16.33 -1.65 -11.51
C ILE A 314 16.96 -1.93 -10.15
N LYS A 315 16.76 -1.02 -9.21
CA LYS A 315 17.37 -1.10 -7.89
C LYS A 315 16.46 -1.74 -6.85
N THR A 316 15.19 -1.39 -6.83
CA THR A 316 14.25 -1.93 -5.85
C THR A 316 12.84 -1.85 -6.41
N ILE A 317 12.12 -2.96 -6.36
CA ILE A 317 10.68 -3.00 -6.54
C ILE A 317 10.08 -3.50 -5.24
N LEU A 318 9.40 -2.63 -4.52
CA LEU A 318 8.74 -3.00 -3.28
C LEU A 318 7.44 -3.73 -3.59
N CYS A 319 7.20 -4.83 -2.89
CA CYS A 319 5.94 -5.56 -2.96
C CYS A 319 5.28 -5.48 -1.59
N GLY A 320 4.18 -4.76 -1.51
CA GLY A 320 3.56 -4.52 -0.23
C GLY A 320 2.10 -4.15 -0.39
N SER A 321 1.54 -3.62 0.70
CA SER A 321 0.18 -3.11 0.82
C SER A 321 -0.84 -4.26 0.94
N GLU A 322 -0.39 -5.49 0.68
CA GLU A 322 -1.21 -6.68 0.87
C GLU A 322 -0.27 -7.87 1.00
N ARG A 323 -0.83 -9.05 1.21
CA ARG A 323 0.01 -10.22 1.42
C ARG A 323 0.86 -10.50 0.18
N VAL A 324 2.09 -10.94 0.43
CA VAL A 324 3.05 -11.26 -0.62
C VAL A 324 2.99 -12.78 -0.82
N HIS A 325 2.55 -13.21 -1.98
CA HIS A 325 2.44 -14.64 -2.28
C HIS A 325 3.71 -15.11 -2.97
N PRO A 326 4.42 -16.09 -2.42
CA PRO A 326 5.57 -16.66 -3.16
C PRO A 326 5.23 -17.05 -4.59
N ALA A 327 4.04 -17.61 -4.83
CA ALA A 327 3.67 -17.98 -6.19
C ALA A 327 3.72 -16.77 -7.12
N THR A 328 3.20 -15.63 -6.66
CA THR A 328 3.20 -14.43 -7.49
C THR A 328 4.62 -13.95 -7.77
N LEU A 329 5.49 -14.01 -6.76
CA LEU A 329 6.85 -13.51 -6.95
C LEU A 329 7.64 -14.40 -7.91
N LYS A 330 7.40 -15.71 -7.87
CA LYS A 330 8.09 -16.61 -8.79
C LYS A 330 7.67 -16.37 -10.23
N ARG A 331 6.36 -16.19 -10.47
CA ARG A 331 5.89 -15.86 -11.81
C ARG A 331 6.57 -14.61 -12.32
N PHE A 332 6.70 -13.59 -11.48
CA PHE A 332 7.27 -12.32 -11.91
C PHE A 332 8.73 -12.49 -12.34
N VAL A 333 9.54 -13.14 -11.50
CA VAL A 333 10.95 -13.28 -11.81
C VAL A 333 11.15 -14.26 -12.96
N ASP A 334 10.41 -15.36 -12.94
CA ASP A 334 10.55 -16.40 -13.99
C ASP A 334 10.19 -15.80 -15.36
N ARG A 335 9.38 -14.75 -15.39
CA ARG A 335 8.90 -14.21 -16.69
C ARG A 335 9.77 -13.04 -17.14
N PHE A 336 10.24 -12.21 -16.22
CA PHE A 336 10.97 -10.99 -16.62
C PHE A 336 12.48 -11.17 -16.44
N SER A 337 12.90 -12.32 -15.92
CA SER A 337 14.36 -12.61 -15.82
C SER A 337 14.92 -12.64 -17.23
N ARG A 338 14.09 -12.98 -18.21
CA ARG A 338 14.55 -12.94 -19.60
C ARG A 338 15.20 -11.60 -19.92
N PHE A 339 14.65 -10.52 -19.36
CA PHE A 339 15.16 -9.17 -19.60
C PHE A 339 16.11 -8.69 -18.52
N ASN A 340 16.72 -9.62 -17.78
CA ASN A 340 17.81 -9.35 -16.84
C ASN A 340 17.32 -8.79 -15.51
N LEU A 341 16.08 -9.07 -15.11
CA LEU A 341 15.61 -8.61 -13.81
C LEU A 341 16.37 -9.32 -12.69
N ARG A 342 16.97 -8.53 -11.81
CA ARG A 342 17.63 -9.09 -10.64
C ARG A 342 16.59 -9.42 -9.57
N GLU A 343 16.65 -10.65 -9.05
CA GLU A 343 15.63 -11.08 -8.09
C GLU A 343 15.83 -10.48 -6.71
N PHE A 344 17.05 -10.06 -6.36
CA PHE A 344 17.24 -9.37 -5.09
C PHE A 344 16.77 -7.92 -5.16
N ALA A 345 16.25 -7.47 -6.30
CA ALA A 345 15.59 -6.18 -6.41
C ALA A 345 14.16 -6.22 -5.91
N ILE A 346 13.60 -7.41 -5.71
CA ILE A 346 12.24 -7.58 -5.22
C ILE A 346 12.30 -7.65 -3.70
N ARG A 347 11.69 -6.66 -3.03
CA ARG A 347 11.74 -6.55 -1.58
C ARG A 347 10.33 -6.57 -1.00
N PRO A 348 9.90 -7.68 -0.38
CA PRO A 348 8.68 -7.63 0.42
C PRO A 348 8.77 -6.53 1.46
N ALA A 349 7.64 -5.87 1.70
CA ALA A 349 7.62 -4.74 2.62
C ALA A 349 6.27 -4.68 3.32
N TYR A 350 6.30 -4.60 4.64
CA TYR A 350 5.10 -4.54 5.47
C TYR A 350 4.99 -3.17 6.13
N GLY A 351 3.76 -2.68 6.27
CA GLY A 351 3.55 -1.38 6.90
C GLY A 351 2.09 -1.06 7.04
N LEU A 352 1.83 0.06 7.71
CA LEU A 352 0.48 0.61 7.80
C LEU A 352 0.55 2.12 7.62
N ALA A 353 -0.61 2.73 7.34
CA ALA A 353 -0.70 4.18 7.43
C ALA A 353 -0.43 4.68 8.83
N GLU A 354 -0.81 3.89 9.85
CA GLU A 354 -0.61 4.30 11.23
C GLU A 354 0.87 4.33 11.62
N ALA A 355 1.73 3.69 10.83
CA ALA A 355 3.17 3.77 11.01
C ALA A 355 3.82 4.69 10.00
N THR A 356 3.06 5.65 9.47
CA THR A 356 3.48 6.47 8.35
C THR A 356 3.48 5.63 7.07
N VAL A 357 4.27 4.56 7.04
CA VAL A 357 4.18 3.64 5.91
C VAL A 357 4.99 2.36 6.10
N TYR A 358 6.16 2.44 6.74
CA TYR A 358 7.09 1.32 6.76
C TYR A 358 7.21 0.69 8.14
N VAL A 359 7.29 -0.65 8.17
CA VAL A 359 7.55 -1.38 9.41
C VAL A 359 8.73 -2.33 9.23
N ALA A 360 8.67 -3.19 8.22
CA ALA A 360 9.69 -4.21 8.04
C ALA A 360 9.88 -4.51 6.56
N THR A 361 11.02 -5.12 6.23
CA THR A 361 11.35 -5.47 4.85
C THR A 361 12.43 -6.54 4.84
N SER A 362 12.62 -7.12 3.64
CA SER A 362 13.57 -8.21 3.46
C SER A 362 15.01 -7.71 3.52
N GLN A 363 15.93 -8.66 3.69
CA GLN A 363 17.35 -8.33 3.78
C GLN A 363 17.82 -7.69 2.47
N ALA A 364 18.82 -6.83 2.59
CA ALA A 364 19.17 -5.93 1.49
C ALA A 364 19.68 -6.69 0.27
N GLY A 365 20.77 -7.42 0.43
CA GLY A 365 21.46 -7.98 -0.72
C GLY A 365 21.07 -9.38 -1.13
N GLN A 366 19.90 -9.85 -0.71
CA GLN A 366 19.45 -11.20 -0.98
C GLN A 366 18.04 -11.19 -1.56
N PRO A 367 17.67 -12.24 -2.30
CA PRO A 367 16.30 -12.37 -2.78
C PRO A 367 15.38 -12.80 -1.66
N PRO A 368 14.06 -12.65 -1.85
CA PRO A 368 13.12 -12.98 -0.77
C PRO A 368 13.31 -14.39 -0.24
N GLU A 369 13.32 -14.52 1.08
CA GLU A 369 13.45 -15.81 1.75
C GLU A 369 12.06 -16.33 2.11
N ILE A 370 11.81 -17.61 1.84
CA ILE A 370 10.51 -18.22 2.03
C ILE A 370 10.65 -19.31 3.08
N ARG A 371 9.71 -19.34 4.03
CA ARG A 371 9.64 -20.37 5.05
C ARG A 371 8.37 -21.19 4.88
N TYR A 372 8.38 -22.39 5.46
CA TYR A 372 7.29 -23.33 5.29
C TYR A 372 6.83 -23.83 6.65
N PHE A 373 5.52 -23.93 6.82
CA PHE A 373 4.91 -24.27 8.11
C PHE A 373 3.74 -25.21 7.88
N GLU A 374 3.49 -26.07 8.86
CA GLU A 374 2.39 -27.02 8.77
C GLU A 374 1.06 -26.28 8.82
N PRO A 375 0.17 -26.47 7.84
CA PRO A 375 -1.05 -25.67 7.82
C PRO A 375 -2.01 -26.00 8.94
N HIS A 376 -2.12 -27.28 9.32
CA HIS A 376 -3.05 -27.66 10.38
C HIS A 376 -2.75 -26.94 11.67
N GLU A 377 -1.48 -26.94 12.09
CA GLU A 377 -1.11 -26.25 13.31
C GLU A 377 -1.28 -24.74 13.18
N LEU A 378 -1.05 -24.20 11.99
CA LEU A 378 -1.20 -22.75 11.79
C LEU A 378 -2.60 -22.29 12.20
N SER A 379 -3.62 -23.04 11.80
CA SER A 379 -4.98 -22.72 12.21
C SER A 379 -5.16 -22.92 13.71
N ALA A 380 -4.53 -23.95 14.28
CA ALA A 380 -4.58 -24.15 15.72
C ALA A 380 -3.99 -22.97 16.48
N GLY A 381 -3.17 -22.15 15.82
CA GLY A 381 -2.49 -21.04 16.45
C GLY A 381 -0.99 -21.20 16.58
N GLN A 382 -0.42 -22.28 16.04
CA GLN A 382 0.98 -22.63 16.25
C GLN A 382 1.70 -22.68 14.92
N ALA A 383 2.90 -22.12 14.86
CA ALA A 383 3.74 -22.14 13.67
C ALA A 383 4.78 -23.24 13.85
N LYS A 384 4.56 -24.37 13.16
CA LYS A 384 5.50 -25.48 13.20
C LYS A 384 6.21 -25.56 11.85
N PRO A 385 7.48 -25.21 11.76
CA PRO A 385 8.17 -25.27 10.46
C PRO A 385 8.16 -26.69 9.91
N CYS A 386 8.08 -26.80 8.59
CA CYS A 386 8.13 -28.07 7.90
C CYS A 386 9.02 -27.95 6.68
N ALA A 387 9.24 -29.08 6.02
CA ALA A 387 10.20 -29.16 4.93
C ALA A 387 9.82 -28.23 3.79
N THR A 388 10.82 -27.85 3.00
CA THR A 388 10.59 -27.05 1.81
C THR A 388 9.63 -27.76 0.88
N GLY A 389 8.58 -27.05 0.44
CA GLY A 389 7.57 -27.59 -0.43
C GLY A 389 6.33 -28.08 0.29
N ALA A 390 6.48 -28.56 1.53
CA ALA A 390 5.33 -29.01 2.30
C ALA A 390 4.67 -27.82 3.01
N GLY A 391 3.37 -27.96 3.25
CA GLY A 391 2.64 -26.95 3.99
C GLY A 391 2.62 -25.58 3.34
N THR A 392 2.07 -24.64 4.11
CA THR A 392 1.90 -23.27 3.63
C THR A 392 3.24 -22.56 3.54
N ALA A 393 3.38 -21.70 2.54
CA ALA A 393 4.57 -20.90 2.35
C ALA A 393 4.30 -19.47 2.77
N LEU A 394 5.27 -18.87 3.46
CA LEU A 394 5.16 -17.49 3.91
C LEU A 394 6.48 -16.77 3.71
N VAL A 395 6.40 -15.51 3.28
CA VAL A 395 7.60 -14.69 3.12
C VAL A 395 8.15 -14.35 4.50
N SER A 396 9.43 -14.67 4.72
CA SER A 396 10.07 -14.31 5.97
C SER A 396 10.32 -12.81 6.03
N TYR A 397 10.08 -12.22 7.20
CA TYR A 397 10.40 -10.83 7.44
C TYR A 397 11.37 -10.75 8.61
N PRO A 398 12.61 -10.30 8.40
CA PRO A 398 13.51 -10.12 9.53
C PRO A 398 12.94 -9.11 10.53
N LEU A 399 13.01 -9.46 11.81
CA LEU A 399 12.52 -8.56 12.83
C LEU A 399 13.22 -7.21 12.69
N PRO A 400 12.50 -6.12 12.47
CA PRO A 400 13.16 -4.86 12.17
C PRO A 400 13.91 -4.29 13.36
N GLN A 401 15.01 -3.58 13.06
CA GLN A 401 15.74 -2.87 14.10
C GLN A 401 14.94 -1.67 14.59
N SER A 402 14.34 -0.92 13.68
CA SER A 402 13.58 0.28 13.97
C SER A 402 12.55 0.49 12.86
N PRO A 403 11.25 0.42 13.16
CA PRO A 403 10.63 0.19 14.47
C PRO A 403 10.85 -1.24 14.98
N ILE A 404 10.34 -1.55 16.16
CA ILE A 404 10.41 -2.92 16.70
C ILE A 404 9.03 -3.52 16.63
N VAL A 405 8.98 -4.84 16.40
CA VAL A 405 7.74 -5.59 16.28
C VAL A 405 7.70 -6.63 17.38
N ARG A 406 6.51 -6.80 17.98
CA ARG A 406 6.27 -7.85 18.94
C ARG A 406 4.91 -8.48 18.66
N ILE A 407 4.80 -9.78 18.95
CA ILE A 407 3.57 -10.54 18.74
C ILE A 407 2.87 -10.66 20.09
N VAL A 408 1.68 -10.09 20.20
CA VAL A 408 1.00 -9.93 21.48
C VAL A 408 -0.36 -10.59 21.43
N ASP A 409 -0.76 -11.17 22.55
CA ASP A 409 -2.10 -11.71 22.73
C ASP A 409 -3.09 -10.57 22.91
N PRO A 410 -4.03 -10.35 21.98
CA PRO A 410 -4.92 -9.19 22.11
C PRO A 410 -5.84 -9.24 23.32
N ASN A 411 -6.03 -10.40 23.94
CA ASN A 411 -6.93 -10.54 25.07
C ASN A 411 -6.24 -10.40 26.42
N THR A 412 -4.91 -10.54 26.48
CA THR A 412 -4.19 -10.43 27.74
C THR A 412 -3.03 -9.44 27.71
N ASN A 413 -2.82 -8.76 26.58
CA ASN A 413 -1.80 -7.72 26.49
C ASN A 413 -0.42 -8.22 26.92
N THR A 414 -0.16 -9.50 26.67
CA THR A 414 1.13 -10.10 26.99
C THR A 414 1.70 -10.76 25.74
N GLU A 415 3.03 -10.69 25.60
CA GLU A 415 3.67 -11.21 24.39
C GLU A 415 3.44 -12.70 24.25
N CYS A 416 3.49 -13.17 22.98
CA CYS A 416 3.40 -14.60 22.68
C CYS A 416 4.79 -15.22 22.68
N PRO A 417 4.90 -16.49 23.08
CA PRO A 417 6.17 -17.19 22.91
C PRO A 417 6.42 -17.46 21.44
N PRO A 418 7.69 -17.57 21.03
CA PRO A 418 7.98 -17.85 19.63
C PRO A 418 7.17 -19.04 19.12
N GLY A 419 6.69 -18.92 17.88
CA GLY A 419 5.87 -19.94 17.28
C GLY A 419 4.38 -19.82 17.55
N THR A 420 3.99 -18.96 18.49
CA THR A 420 2.58 -18.76 18.83
C THR A 420 2.07 -17.50 18.14
N ILE A 421 0.87 -17.61 17.56
CA ILE A 421 0.30 -16.53 16.74
C ILE A 421 -0.52 -15.59 17.62
N GLY A 422 -0.23 -14.30 17.50
CA GLY A 422 -1.00 -13.27 18.17
C GLY A 422 -1.14 -12.07 17.27
N GLU A 423 -1.39 -10.90 17.83
CA GLU A 423 -1.49 -9.68 17.05
C GLU A 423 -0.14 -8.99 16.94
N ILE A 424 0.10 -8.35 15.80
CA ILE A 424 1.34 -7.61 15.57
C ILE A 424 1.22 -6.24 16.23
N TRP A 425 2.12 -5.96 17.16
CA TRP A 425 2.23 -4.65 17.78
C TRP A 425 3.52 -3.98 17.32
N VAL A 426 3.46 -2.66 17.12
CA VAL A 426 4.61 -1.90 16.64
C VAL A 426 4.91 -0.77 17.61
N HIS A 427 6.21 -0.49 17.77
CA HIS A 427 6.69 0.62 18.59
C HIS A 427 7.81 1.34 17.84
N GLY A 428 7.75 2.67 17.86
CA GLY A 428 8.75 3.46 17.16
C GLY A 428 8.27 4.87 16.91
N ASP A 429 9.24 5.75 16.66
CA ASP A 429 8.94 7.17 16.44
C ASP A 429 8.24 7.43 15.11
N ASN A 430 8.13 6.42 14.25
CA ASN A 430 7.32 6.55 13.04
C ASN A 430 5.84 6.38 13.32
N VAL A 431 5.48 5.76 14.45
CA VAL A 431 4.08 5.54 14.79
C VAL A 431 3.41 6.88 15.02
N ALA A 432 2.26 7.08 14.41
CA ALA A 432 1.54 8.35 14.51
C ALA A 432 1.02 8.55 15.93
N GLY A 433 0.66 9.80 16.23
CA GLY A 433 0.15 10.15 17.55
C GLY A 433 -1.32 9.89 17.77
N GLY A 434 -2.08 9.60 16.72
CA GLY A 434 -3.48 9.29 16.86
C GLY A 434 -4.26 9.70 15.64
N TYR A 435 -5.58 9.60 15.75
CA TYR A 435 -6.51 9.99 14.70
C TYR A 435 -7.06 11.38 14.97
N TRP A 436 -7.22 12.18 13.91
CA TRP A 436 -7.63 13.56 14.06
C TRP A 436 -8.97 13.70 14.78
N GLU A 437 -8.94 14.29 15.97
CA GLU A 437 -10.15 14.62 16.73
C GLU A 437 -10.96 13.39 17.10
N LYS A 438 -10.29 12.26 17.35
CA LYS A 438 -10.95 11.02 17.75
C LYS A 438 -10.22 10.46 18.97
N PRO A 439 -10.46 11.04 20.15
CA PRO A 439 -9.73 10.58 21.35
C PRO A 439 -9.94 9.10 21.65
N ASP A 440 -11.19 8.62 21.59
CA ASP A 440 -11.47 7.25 22.01
C ASP A 440 -10.87 6.25 21.03
N GLU A 441 -11.06 6.45 19.73
CA GLU A 441 -10.48 5.54 18.76
C GLU A 441 -8.96 5.57 18.78
N THR A 442 -8.37 6.73 19.09
CA THR A 442 -6.92 6.82 19.22
C THR A 442 -6.43 5.94 20.37
N GLU A 443 -7.15 5.94 21.49
CA GLU A 443 -6.74 5.13 22.63
C GLU A 443 -6.75 3.65 22.30
N ARG A 444 -7.78 3.18 21.59
CA ARG A 444 -7.87 1.76 21.25
C ARG A 444 -6.74 1.33 20.34
N THR A 445 -6.42 2.16 19.33
CA THR A 445 -5.48 1.75 18.29
C THR A 445 -4.03 2.02 18.68
N PHE A 446 -3.76 3.07 19.45
CA PHE A 446 -2.40 3.48 19.75
C PHE A 446 -1.99 3.29 21.20
N GLY A 447 -2.93 2.99 22.10
CA GLY A 447 -2.63 2.94 23.52
C GLY A 447 -2.17 1.58 24.03
N GLY A 448 -1.66 0.73 23.15
CA GLY A 448 -1.18 -0.57 23.57
C GLY A 448 -0.15 -0.49 24.68
N ALA A 449 -0.37 -1.25 25.75
CA ALA A 449 0.54 -1.32 26.88
C ALA A 449 0.86 -2.78 27.16
N LEU A 450 2.14 -3.09 27.27
CA LEU A 450 2.59 -4.47 27.42
C LEU A 450 2.61 -4.87 28.88
N VAL A 451 1.98 -6.00 29.19
CA VAL A 451 1.94 -6.53 30.55
C VAL A 451 3.20 -7.36 30.79
N ALA A 452 3.92 -7.04 31.86
CA ALA A 452 5.16 -7.72 32.21
C ALA A 452 6.06 -7.89 30.98
N PRO A 453 6.50 -6.78 30.37
CA PRO A 453 7.25 -6.88 29.12
C PRO A 453 8.50 -7.72 29.29
N SER A 454 8.93 -8.34 28.18
CA SER A 454 10.17 -9.09 28.17
C SER A 454 11.37 -8.12 28.23
N ALA A 455 12.56 -8.69 28.41
CA ALA A 455 13.77 -7.90 28.57
C ALA A 455 14.13 -7.21 27.25
N GLY A 456 14.21 -5.88 27.29
CA GLY A 456 14.48 -5.09 26.11
C GLY A 456 13.25 -4.55 25.42
N THR A 457 12.06 -4.78 25.98
CA THR A 457 10.80 -4.40 25.36
C THR A 457 10.20 -3.23 26.09
N PRO A 458 9.93 -2.11 25.42
CA PRO A 458 9.20 -1.02 26.07
C PRO A 458 7.81 -1.47 26.48
N VAL A 459 7.24 -0.76 27.45
CA VAL A 459 5.88 -1.04 27.87
C VAL A 459 4.85 -0.35 26.98
N GLY A 460 5.23 0.73 26.31
CA GLY A 460 4.33 1.46 25.45
C GLY A 460 4.94 2.76 24.96
N PRO A 461 4.24 3.47 24.08
CA PRO A 461 2.96 3.13 23.48
C PRO A 461 3.14 2.15 22.32
N TRP A 462 2.22 1.20 22.15
CA TRP A 462 2.30 0.22 21.09
C TRP A 462 1.14 0.42 20.13
N LEU A 463 1.43 0.35 18.83
CA LEU A 463 0.41 0.43 17.79
C LEU A 463 -0.14 -0.96 17.53
N ARG A 464 -1.43 -1.15 17.80
CA ARG A 464 -2.09 -2.42 17.53
C ARG A 464 -2.53 -2.43 16.07
N THR A 465 -1.91 -3.28 15.27
CA THR A 465 -2.08 -3.22 13.83
C THR A 465 -3.37 -3.87 13.34
N GLY A 466 -3.94 -4.79 14.11
CA GLY A 466 -5.05 -5.57 13.61
C GLY A 466 -4.65 -6.72 12.71
N ASP A 467 -3.35 -7.03 12.63
CA ASP A 467 -2.84 -8.09 11.78
C ASP A 467 -2.38 -9.27 12.62
N SER A 468 -2.55 -10.47 12.07
CA SER A 468 -2.08 -11.68 12.72
C SER A 468 -0.68 -12.01 12.23
N GLY A 469 0.16 -12.52 13.13
CA GLY A 469 1.50 -12.88 12.77
C GLY A 469 2.14 -13.71 13.86
N PHE A 470 3.40 -14.09 13.62
CA PHE A 470 4.16 -14.88 14.57
C PHE A 470 5.64 -14.70 14.27
N VAL A 471 6.46 -15.07 15.23
CA VAL A 471 7.91 -15.05 15.09
C VAL A 471 8.41 -16.49 15.01
N SER A 472 9.40 -16.71 14.17
CA SER A 472 10.00 -18.04 14.02
C SER A 472 11.46 -17.84 13.63
N GLU A 473 12.35 -18.03 14.60
CA GLU A 473 13.79 -17.97 14.37
C GLU A 473 14.24 -16.53 14.11
N ASP A 474 13.80 -15.61 14.96
CA ASP A 474 14.10 -14.18 14.81
C ASP A 474 13.68 -13.66 13.44
N LYS A 475 12.68 -14.30 12.84
CA LYS A 475 11.96 -13.77 11.69
C LYS A 475 10.48 -13.78 12.04
N PHE A 476 9.75 -12.75 11.61
CA PHE A 476 8.34 -12.66 11.90
C PHE A 476 7.53 -12.68 10.60
N PHE A 477 6.32 -13.22 10.69
CA PHE A 477 5.51 -13.53 9.53
C PHE A 477 4.13 -12.90 9.70
N ILE A 478 3.55 -12.47 8.58
CA ILE A 478 2.25 -11.81 8.57
C ILE A 478 1.23 -12.80 7.99
N ILE A 479 0.29 -13.24 8.82
CA ILE A 479 -0.74 -14.15 8.36
C ILE A 479 -1.84 -13.39 7.61
N GLY A 480 -2.34 -12.33 8.23
CA GLY A 480 -3.39 -11.54 7.60
C GLY A 480 -4.12 -10.69 8.61
N ARG A 481 -5.09 -9.95 8.09
CA ARG A 481 -5.88 -9.02 8.89
C ARG A 481 -6.89 -9.78 9.74
N ILE A 482 -6.90 -9.49 11.04
CA ILE A 482 -7.63 -10.33 11.99
C ILE A 482 -9.12 -10.36 11.67
N LYS A 483 -9.73 -9.19 11.47
CA LYS A 483 -11.17 -9.14 11.24
C LYS A 483 -11.58 -9.81 9.93
N ASP A 484 -10.64 -10.07 9.03
CA ASP A 484 -10.93 -10.75 7.78
C ASP A 484 -10.78 -12.25 7.86
N LEU A 485 -10.43 -12.79 9.02
CA LEU A 485 -10.19 -14.23 9.14
C LEU A 485 -11.51 -14.99 9.21
N LEU A 486 -11.42 -16.28 8.90
CA LEU A 486 -12.56 -17.19 8.95
C LEU A 486 -12.33 -18.19 10.06
N ILE A 487 -13.18 -18.15 11.09
CA ILE A 487 -13.10 -19.04 12.23
C ILE A 487 -14.15 -20.13 12.08
N VAL A 488 -13.71 -21.39 12.09
CA VAL A 488 -14.61 -22.53 11.92
C VAL A 488 -14.13 -23.62 12.86
N TYR A 489 -14.90 -23.91 13.91
CA TYR A 489 -14.54 -24.90 14.92
C TYR A 489 -13.21 -24.54 15.58
N GLY A 490 -13.13 -23.32 16.08
CA GLY A 490 -11.96 -22.85 16.80
C GLY A 490 -10.72 -22.64 15.97
N ARG A 491 -10.71 -23.05 14.70
CA ARG A 491 -9.57 -22.88 13.83
C ARG A 491 -9.65 -21.54 13.09
N ASN A 492 -8.49 -21.00 12.75
CA ASN A 492 -8.39 -19.75 12.02
C ASN A 492 -7.91 -20.05 10.61
N HIS A 493 -8.69 -19.65 9.61
CA HIS A 493 -8.32 -19.76 8.21
C HIS A 493 -8.27 -18.38 7.60
N SER A 494 -7.24 -18.12 6.79
CA SER A 494 -7.00 -16.82 6.20
C SER A 494 -7.51 -16.76 4.77
N PRO A 495 -8.20 -15.68 4.40
CA PRO A 495 -8.74 -15.59 3.03
C PRO A 495 -7.68 -15.57 1.95
N ASP A 496 -6.47 -15.05 2.24
CA ASP A 496 -5.42 -15.03 1.22
C ASP A 496 -5.06 -16.44 0.78
N ASP A 497 -5.07 -17.40 1.71
CA ASP A 497 -4.76 -18.78 1.35
C ASP A 497 -5.91 -19.41 0.57
N ILE A 498 -7.15 -19.20 1.02
CA ILE A 498 -8.31 -19.73 0.31
C ILE A 498 -8.32 -19.22 -1.12
N GLU A 499 -8.23 -17.91 -1.30
CA GLU A 499 -8.32 -17.33 -2.64
C GLU A 499 -7.17 -17.79 -3.52
N ALA A 500 -5.98 -17.95 -2.93
CA ALA A 500 -4.87 -18.49 -3.69
C ALA A 500 -5.20 -19.87 -4.26
N THR A 501 -5.99 -20.65 -3.52
CA THR A 501 -6.41 -21.96 -4.03
C THR A 501 -7.42 -21.81 -5.17
N ILE A 502 -8.31 -20.82 -5.07
CA ILE A 502 -9.26 -20.55 -6.16
C ILE A 502 -8.57 -19.84 -7.30
N GLN A 503 -7.81 -18.78 -7.00
CA GLN A 503 -7.15 -17.98 -8.02
C GLN A 503 -6.29 -18.82 -8.96
N GLU A 504 -5.94 -20.06 -8.60
CA GLU A 504 -5.12 -20.93 -9.45
C GLU A 504 -5.94 -21.95 -10.23
N ILE A 505 -7.23 -22.09 -9.92
CA ILE A 505 -8.14 -22.87 -10.75
C ILE A 505 -8.81 -22.00 -11.79
N THR A 506 -9.22 -20.80 -11.39
CA THR A 506 -9.93 -19.87 -12.27
C THR A 506 -8.97 -18.89 -12.96
N ARG A 507 -7.92 -18.46 -12.26
CA ARG A 507 -7.01 -17.43 -12.75
C ARG A 507 -7.72 -16.08 -12.91
N GLY A 508 -8.81 -15.88 -12.18
CA GLY A 508 -9.44 -14.60 -12.05
C GLY A 508 -9.37 -14.06 -10.63
N ARG A 509 -10.21 -13.07 -10.35
CA ARG A 509 -10.23 -12.48 -9.02
C ARG A 509 -11.21 -13.23 -8.12
N CYS A 510 -10.94 -13.19 -6.82
CA CYS A 510 -11.72 -13.93 -5.84
C CYS A 510 -11.96 -13.07 -4.61
N ALA A 511 -12.69 -13.64 -3.66
CA ALA A 511 -12.89 -13.06 -2.33
C ALA A 511 -13.53 -14.09 -1.40
N ALA A 512 -12.78 -14.59 -0.43
CA ALA A 512 -13.29 -15.57 0.52
C ALA A 512 -13.73 -14.82 1.76
N ILE A 513 -15.04 -14.72 1.96
CA ILE A 513 -15.61 -13.93 3.04
C ILE A 513 -16.31 -14.86 4.02
N ALA A 514 -16.61 -14.32 5.20
CA ALA A 514 -17.24 -15.06 6.29
C ALA A 514 -18.59 -14.43 6.60
N VAL A 515 -19.65 -15.18 6.38
CA VAL A 515 -21.02 -14.73 6.61
C VAL A 515 -21.53 -15.41 7.88
N PRO A 516 -21.86 -14.66 8.93
CA PRO A 516 -22.38 -15.28 10.15
C PRO A 516 -23.79 -15.80 9.95
N SER A 517 -24.09 -16.90 10.64
CA SER A 517 -25.40 -17.53 10.51
C SER A 517 -25.67 -18.37 11.75
N ASN A 518 -26.66 -17.94 12.54
CA ASN A 518 -27.09 -18.69 13.72
C ASN A 518 -25.91 -19.10 14.60
N GLY A 519 -24.98 -18.18 14.82
CA GLY A 519 -23.94 -18.36 15.80
C GLY A 519 -22.61 -18.89 15.32
N VAL A 520 -22.42 -19.05 14.01
CA VAL A 520 -21.15 -19.50 13.45
C VAL A 520 -20.89 -18.74 12.16
N GLU A 521 -19.64 -18.80 11.70
CA GLU A 521 -19.26 -18.22 10.42
C GLU A 521 -19.36 -19.27 9.32
N LYS A 522 -19.79 -18.84 8.15
CA LYS A 522 -19.94 -19.70 6.99
C LYS A 522 -19.08 -19.18 5.86
N LEU A 523 -18.41 -20.09 5.15
CA LEU A 523 -17.50 -19.68 4.09
C LEU A 523 -18.28 -19.42 2.81
N VAL A 524 -18.17 -18.18 2.31
CA VAL A 524 -18.72 -17.80 1.01
C VAL A 524 -17.58 -17.27 0.16
N ALA A 525 -17.57 -17.66 -1.11
CA ALA A 525 -16.51 -17.27 -2.04
C ALA A 525 -17.13 -16.63 -3.27
N ILE A 526 -16.75 -15.38 -3.53
CA ILE A 526 -17.17 -14.67 -4.74
C ILE A 526 -16.09 -14.84 -5.79
N VAL A 527 -16.42 -15.49 -6.90
CA VAL A 527 -15.44 -15.93 -7.89
C VAL A 527 -15.74 -15.25 -9.21
N GLU A 528 -14.88 -14.32 -9.61
CA GLU A 528 -14.97 -13.73 -10.93
C GLU A 528 -14.53 -14.74 -11.99
N LEU A 529 -15.35 -14.87 -13.04
CA LEU A 529 -15.14 -15.88 -14.07
C LEU A 529 -15.44 -15.28 -15.43
N ASN A 530 -14.79 -15.81 -16.45
CA ASN A 530 -14.94 -15.25 -17.79
C ASN A 530 -16.32 -15.53 -18.35
N ASN A 531 -16.91 -14.51 -18.97
CA ASN A 531 -18.31 -14.56 -19.39
C ASN A 531 -18.51 -15.02 -20.83
N ARG A 532 -17.48 -14.94 -21.68
CA ARG A 532 -17.64 -15.18 -23.10
C ARG A 532 -18.19 -16.57 -23.41
N ASP A 536 -21.48 -22.33 -21.12
CA ASP A 536 -22.72 -23.08 -21.04
C ASP A 536 -23.10 -23.39 -19.60
N THR A 537 -24.17 -24.16 -19.40
CA THR A 537 -24.58 -24.53 -18.05
C THR A 537 -23.76 -25.68 -17.48
N GLU A 538 -23.20 -26.53 -18.35
CA GLU A 538 -22.07 -27.36 -17.95
C GLU A 538 -20.83 -26.47 -17.96
N ARG A 539 -19.65 -27.06 -17.81
CA ARG A 539 -18.44 -26.25 -17.72
C ARG A 539 -18.47 -25.41 -16.44
N LEU A 540 -19.55 -24.66 -16.24
CA LEU A 540 -19.76 -24.01 -14.96
C LEU A 540 -19.79 -25.04 -13.84
N SER A 541 -20.47 -26.17 -14.06
CA SER A 541 -20.48 -27.24 -13.07
C SER A 541 -19.08 -27.80 -12.86
N PHE A 542 -18.31 -27.95 -13.95
CA PHE A 542 -16.94 -28.43 -13.80
C PHE A 542 -16.09 -27.46 -12.97
N VAL A 543 -16.40 -26.17 -13.03
CA VAL A 543 -15.64 -25.18 -12.26
C VAL A 543 -16.13 -25.13 -10.83
N THR A 544 -17.44 -25.05 -10.63
CA THR A 544 -17.98 -25.10 -9.27
C THR A 544 -17.52 -26.35 -8.54
N ARG A 545 -17.64 -27.51 -9.21
CA ARG A 545 -17.19 -28.75 -8.59
C ARG A 545 -15.68 -28.74 -8.37
N GLU A 546 -14.93 -28.14 -9.28
CA GLU A 546 -13.49 -28.08 -9.15
C GLU A 546 -13.08 -27.26 -7.93
N VAL A 547 -13.55 -26.02 -7.86
CA VAL A 547 -13.14 -25.14 -6.77
C VAL A 547 -13.61 -25.69 -5.42
N THR A 548 -14.84 -26.19 -5.37
CA THR A 548 -15.37 -26.71 -4.10
C THR A 548 -14.46 -27.80 -3.55
N SER A 549 -14.05 -28.74 -4.39
CA SER A 549 -13.17 -29.82 -3.94
C SER A 549 -11.78 -29.29 -3.61
N ALA A 550 -11.30 -28.31 -4.39
CA ALA A 550 -9.98 -27.75 -4.14
C ALA A 550 -9.94 -26.97 -2.83
N ILE A 551 -11.07 -26.42 -2.39
CA ILE A 551 -11.12 -25.79 -1.08
C ILE A 551 -11.31 -26.84 0.01
N SER A 552 -12.01 -27.93 -0.30
CA SER A 552 -12.21 -28.98 0.69
C SER A 552 -10.89 -29.66 1.04
N THR A 553 -10.14 -30.10 0.03
CA THR A 553 -8.93 -30.88 0.28
C THR A 553 -7.75 -30.00 0.69
N SER A 554 -7.66 -28.78 0.19
CA SER A 554 -6.55 -27.90 0.52
C SER A 554 -6.73 -27.17 1.84
N HIS A 555 -7.97 -27.11 2.35
CA HIS A 555 -8.26 -26.36 3.57
C HIS A 555 -9.13 -27.10 4.58
N GLY A 556 -9.73 -28.22 4.20
CA GLY A 556 -10.66 -28.87 5.11
C GLY A 556 -11.85 -28.00 5.44
N LEU A 557 -12.38 -27.29 4.46
CA LEU A 557 -13.51 -26.40 4.66
C LEU A 557 -14.59 -26.68 3.62
N SER A 558 -15.83 -26.49 4.02
CA SER A 558 -16.97 -26.61 3.11
C SER A 558 -17.39 -25.22 2.64
N VAL A 559 -17.70 -25.10 1.36
CA VAL A 559 -18.14 -23.84 0.77
C VAL A 559 -19.66 -23.78 0.90
N SER A 560 -20.13 -22.82 1.71
CA SER A 560 -21.57 -22.65 1.85
C SER A 560 -22.20 -22.13 0.56
N ASP A 561 -21.47 -21.28 -0.17
CA ASP A 561 -22.00 -20.68 -1.38
C ASP A 561 -20.86 -20.24 -2.28
N LEU A 562 -20.93 -20.63 -3.54
CA LEU A 562 -20.01 -20.17 -4.58
C LEU A 562 -20.81 -19.31 -5.56
N VAL A 563 -20.47 -18.03 -5.63
CA VAL A 563 -21.18 -17.07 -6.46
C VAL A 563 -20.32 -16.80 -7.68
N LEU A 564 -20.69 -17.40 -8.81
CA LEU A 564 -19.98 -17.18 -10.07
C LEU A 564 -20.52 -15.90 -10.71
N VAL A 565 -19.70 -14.85 -10.71
CA VAL A 565 -20.09 -13.54 -11.20
C VAL A 565 -19.28 -13.21 -12.45
N ALA A 566 -19.67 -12.13 -13.12
CA ALA A 566 -18.98 -11.68 -14.31
C ALA A 566 -17.72 -10.90 -13.94
N PRO A 567 -16.76 -10.81 -14.86
CA PRO A 567 -15.53 -10.07 -14.56
C PRO A 567 -15.82 -8.61 -14.25
N GLY A 568 -15.22 -8.11 -13.17
CA GLY A 568 -15.38 -6.74 -12.73
C GLY A 568 -16.35 -6.57 -11.57
N SER A 569 -17.05 -7.63 -11.18
CA SER A 569 -18.09 -7.48 -10.16
C SER A 569 -17.52 -7.25 -8.78
N ILE A 570 -16.39 -7.84 -8.46
CA ILE A 570 -15.89 -7.76 -7.08
C ILE A 570 -15.31 -6.37 -6.83
N PRO A 571 -15.59 -5.74 -5.69
CA PRO A 571 -15.03 -4.42 -5.43
C PRO A 571 -13.52 -4.47 -5.29
N ILE A 572 -12.83 -3.58 -5.99
CA ILE A 572 -11.38 -3.43 -5.93
C ILE A 572 -11.07 -1.96 -5.68
N THR A 573 -9.80 -1.68 -5.36
CA THR A 573 -9.33 -0.32 -5.17
C THR A 573 -8.94 0.27 -6.54
N THR A 574 -8.33 1.45 -6.52
CA THR A 574 -7.72 1.96 -7.75
C THR A 574 -6.41 1.25 -8.05
N SER A 575 -5.68 0.84 -7.01
CA SER A 575 -4.51 -0.01 -7.19
C SER A 575 -4.84 -1.49 -7.19
N GLY A 576 -5.98 -1.88 -6.64
CA GLY A 576 -6.52 -3.20 -6.92
C GLY A 576 -6.85 -4.10 -5.75
N LYS A 577 -6.57 -3.67 -4.52
CA LYS A 577 -6.86 -4.48 -3.35
C LYS A 577 -8.30 -4.96 -3.35
N VAL A 578 -8.51 -6.28 -3.22
CA VAL A 578 -9.86 -6.81 -3.11
C VAL A 578 -10.50 -6.32 -1.81
N ARG A 579 -11.75 -5.87 -1.90
CA ARG A 579 -12.46 -5.31 -0.75
C ARG A 579 -13.37 -6.37 -0.16
N ARG A 580 -12.80 -7.26 0.65
CA ARG A 580 -13.57 -8.29 1.33
C ARG A 580 -14.56 -7.72 2.35
N ALA A 581 -14.50 -6.41 2.61
CA ALA A 581 -15.43 -5.80 3.56
C ALA A 581 -16.79 -5.55 2.93
N GLU A 582 -16.82 -4.83 1.81
CA GLU A 582 -18.09 -4.56 1.14
C GLU A 582 -18.76 -5.85 0.66
N CYS A 583 -17.97 -6.75 0.07
CA CYS A 583 -18.47 -8.01 -0.45
C CYS A 583 -19.44 -8.68 0.51
N VAL A 584 -19.16 -8.57 1.81
CA VAL A 584 -19.99 -9.27 2.80
C VAL A 584 -21.42 -8.75 2.77
N LYS A 585 -21.59 -7.43 2.67
CA LYS A 585 -22.94 -6.87 2.64
C LYS A 585 -23.54 -6.83 1.24
N LEU A 586 -22.71 -6.78 0.19
CA LEU A 586 -23.24 -7.01 -1.15
C LEU A 586 -23.85 -8.40 -1.24
N TYR A 587 -23.23 -9.37 -0.57
CA TYR A 587 -23.80 -10.72 -0.53
C TYR A 587 -25.07 -10.75 0.33
N ARG A 588 -25.00 -10.20 1.54
CA ARG A 588 -26.15 -10.26 2.45
C ARG A 588 -27.32 -9.45 1.92
N HIS A 589 -27.05 -8.39 1.16
CA HIS A 589 -28.10 -7.61 0.50
C HIS A 589 -28.36 -8.07 -0.93
N ASN A 590 -27.93 -9.28 -1.28
CA ASN A 590 -28.28 -9.91 -2.55
C ASN A 590 -28.00 -8.99 -3.74
N GLU A 591 -26.84 -8.35 -3.72
CA GLU A 591 -26.47 -7.42 -4.79
C GLU A 591 -25.68 -8.08 -5.92
N PHE A 592 -25.45 -9.38 -5.84
CA PHE A 592 -24.66 -10.09 -6.85
C PHE A 592 -25.58 -10.77 -7.86
N THR A 593 -25.13 -10.79 -9.12
CA THR A 593 -25.80 -11.50 -10.19
C THR A 593 -24.93 -12.70 -10.57
N ARG A 594 -25.51 -13.90 -10.46
CA ARG A 594 -24.78 -15.13 -10.75
C ARG A 594 -24.92 -15.50 -12.22
N LEU A 595 -23.88 -16.13 -12.76
CA LEU A 595 -23.94 -16.68 -14.10
C LEU A 595 -24.82 -17.93 -14.19
N ASP A 596 -25.52 -18.29 -13.12
CA ASP A 596 -26.40 -19.45 -13.08
C ASP A 596 -25.80 -20.68 -13.75
#